data_6FIO
#
_entry.id   6FIO
#
_cell.length_a   111.908
_cell.length_b   111.908
_cell.length_c   113.288
_cell.angle_alpha   90.000
_cell.angle_beta   90.000
_cell.angle_gamma   120.000
#
_symmetry.space_group_name_H-M   'P 65 2 2'
#
loop_
_entity.id
_entity.type
_entity.pdbx_description
1 polymer 'Epithelial discoidin domain-containing receptor 1'
2 non-polymer "2-[1'-(1~{H}-indazol-5-ylcarbonyl)-4-methyl-2-oxidanylidene-spiro[indole-3,4'-piperidine]-1-yl]-~{N}-[2,2,2-tris(fluoranyl)ethyl]ethanamide"
3 water water
#
_entity_poly.entity_id   1
_entity_poly.type   'polypeptide(L)'
_entity_poly.pdbx_seq_one_letter_code
;PGAVGDGPPRVDFPRSRLRFKEKLGEGQFGEVHLCEVDSPQDLVSLDFPLNVRKGHPLLVAVKILRPDATKNARNDFLKE
VKIMSRLKDPNIIRLLGVCVQDDPLCMITDYMENGDLNQFLSAHQLEDKAAEGAPGDPTISYPMLLHVAAQIASGMRYLA
TLNFVHRDLATRNCLVGENFTIKIADFGMSRNLYAGDYYRVQGRAVLPIRWMAWECILMGKFTTASDVWAFGVTLWEVLM
LCRAQPFGQLTDEQVIENAGEFFRDQGRQVYLSRPPACPQGLYELMLRCWSRESEQRPPFSQLHRFLAEDALNTVHHHHH
H
;
_entity_poly.pdbx_strand_id   A
#
loop_
_chem_comp.id
_chem_comp.type
_chem_comp.name
_chem_comp.formula
DJH non-polymer 2-[1'-(1~{H}-indazol-5-ylcarbonyl)-4-methyl-2-oxidanylidene-spiro[indole-3,4'-piperidine]-1-yl]-~{N}-[2,2,2-tris(fluoranyl)ethyl]ethanamide 'C25 H24 F3 N5 O3'
#
# COMPACT_ATOMS: atom_id res chain seq x y z
N ASP A 6 -9.22 20.31 -4.41
CA ASP A 6 -9.02 19.50 -3.20
C ASP A 6 -10.34 19.12 -2.56
N GLY A 7 -11.32 20.02 -2.62
CA GLY A 7 -12.68 19.71 -2.18
C GLY A 7 -13.25 18.58 -3.01
N PRO A 8 -14.27 17.88 -2.49
CA PRO A 8 -14.85 16.78 -3.27
C PRO A 8 -15.55 17.30 -4.52
N PRO A 9 -15.55 16.51 -5.61
CA PRO A 9 -16.15 16.95 -6.87
C PRO A 9 -17.65 17.21 -6.73
N ARG A 10 -18.16 18.24 -7.39
CA ARG A 10 -19.57 18.59 -7.22
C ARG A 10 -20.49 17.89 -8.23
N VAL A 11 -19.96 17.45 -9.36
CA VAL A 11 -20.80 16.73 -10.34
C VAL A 11 -20.36 15.27 -10.44
N ASP A 12 -21.34 14.36 -10.42
CA ASP A 12 -21.07 12.92 -10.45
C ASP A 12 -20.59 12.44 -11.81
N PHE A 13 -19.85 11.33 -11.77
CA PHE A 13 -19.50 10.57 -12.96
C PHE A 13 -20.77 9.91 -13.53
N PRO A 14 -20.92 9.89 -14.86
CA PRO A 14 -22.07 9.21 -15.47
C PRO A 14 -22.11 7.74 -15.12
N ARG A 15 -22.99 7.39 -14.17
CA ARG A 15 -23.15 6.02 -13.72
C ARG A 15 -23.43 5.05 -14.87
N SER A 16 -24.22 5.51 -15.85
CA SER A 16 -24.61 4.66 -16.95
C SER A 16 -23.44 4.27 -17.85
N ARG A 17 -22.31 4.94 -17.72
CA ARG A 17 -21.15 4.61 -18.55
C ARG A 17 -20.32 3.44 -17.98
N LEU A 18 -20.52 3.14 -16.70
CA LEU A 18 -19.83 2.04 -16.06
C LEU A 18 -20.47 0.70 -16.43
N ARG A 19 -19.72 -0.16 -17.11
CA ARG A 19 -20.22 -1.49 -17.47
C ARG A 19 -19.43 -2.57 -16.72
N PHE A 20 -20.15 -3.42 -15.99
CA PHE A 20 -19.53 -4.41 -15.11
C PHE A 20 -18.78 -5.52 -15.85
N LYS A 21 -17.59 -5.84 -15.36
CA LYS A 21 -16.81 -6.96 -15.89
C LYS A 21 -16.57 -8.05 -14.85
N GLU A 22 -15.96 -7.66 -13.72
CA GLU A 22 -15.46 -8.58 -12.71
C GLU A 22 -15.53 -7.98 -11.31
N LYS A 23 -15.70 -8.83 -10.31
CA LYS A 23 -15.51 -8.41 -8.93
C LYS A 23 -14.00 -8.40 -8.63
N LEU A 24 -13.51 -7.34 -7.98
CA LEU A 24 -12.09 -7.26 -7.63
C LEU A 24 -11.88 -7.54 -6.15
N GLY A 25 -12.91 -7.30 -5.35
CA GLY A 25 -12.80 -7.55 -3.93
C GLY A 25 -14.00 -7.19 -3.08
N GLU A 26 -13.83 -7.39 -1.77
CA GLU A 26 -14.89 -7.14 -0.79
C GLU A 26 -14.39 -6.22 0.32
N GLY A 27 -15.22 -6.07 1.35
CA GLY A 27 -14.90 -5.27 2.51
C GLY A 27 -16.17 -5.07 3.32
N GLN A 28 -16.07 -4.34 4.42
CA GLN A 28 -17.23 -4.11 5.26
C GLN A 28 -18.14 -3.08 4.62
N PHE A 29 -17.59 -2.30 3.71
CA PHE A 29 -18.33 -1.24 3.03
C PHE A 29 -19.19 -1.81 1.92
N GLY A 30 -18.74 -2.93 1.37
CA GLY A 30 -19.35 -3.48 0.18
C GLY A 30 -18.29 -4.02 -0.76
N GLU A 31 -18.45 -3.77 -2.05
CA GLU A 31 -17.61 -4.43 -3.04
C GLU A 31 -16.81 -3.46 -3.91
N VAL A 32 -15.72 -3.96 -4.48
CA VAL A 32 -14.95 -3.24 -5.48
C VAL A 32 -15.11 -3.96 -6.82
N HIS A 33 -15.58 -3.25 -7.84
CA HIS A 33 -15.82 -3.86 -9.15
C HIS A 33 -14.86 -3.36 -10.23
N LEU A 34 -14.48 -4.27 -11.12
CA LEU A 34 -13.81 -3.90 -12.36
C LEU A 34 -14.87 -3.54 -13.41
N CYS A 35 -14.85 -2.30 -13.91
CA CYS A 35 -15.84 -1.88 -14.90
C CYS A 35 -15.19 -1.34 -16.17
N GLU A 36 -15.89 -1.47 -17.29
CA GLU A 36 -15.42 -0.84 -18.52
C GLU A 36 -16.16 0.48 -18.70
N VAL A 37 -15.45 1.49 -19.21
CA VAL A 37 -16.09 2.76 -19.49
C VAL A 37 -16.37 2.86 -20.99
N ASP A 38 -17.64 2.77 -21.36
CA ASP A 38 -18.04 2.82 -22.77
C ASP A 38 -17.81 4.21 -23.38
N SER A 39 -17.32 4.22 -24.61
CA SER A 39 -17.07 5.46 -25.34
C SER A 39 -16.36 6.52 -24.50
N PRO A 40 -15.18 6.18 -23.95
CA PRO A 40 -14.52 7.03 -22.94
C PRO A 40 -14.02 8.36 -23.50
N GLN A 41 -13.99 8.49 -24.82
CA GLN A 41 -13.48 9.70 -25.45
C GLN A 41 -14.47 10.88 -25.33
N ASP A 42 -15.69 10.61 -24.92
CA ASP A 42 -16.66 11.68 -24.67
C ASP A 42 -16.41 12.33 -23.32
N LEU A 43 -15.89 11.54 -22.38
CA LEU A 43 -15.89 11.91 -20.98
C LEU A 43 -14.62 12.63 -20.56
N VAL A 44 -13.51 12.30 -21.22
CA VAL A 44 -12.23 12.97 -20.99
C VAL A 44 -12.37 14.46 -21.30
N SER A 45 -13.36 14.79 -22.13
CA SER A 45 -13.70 16.17 -22.46
C SER A 45 -14.32 16.92 -21.27
N LEU A 46 -14.64 16.19 -20.22
CA LEU A 46 -15.17 16.78 -18.98
C LEU A 46 -14.35 16.30 -17.79
N ASP A 47 -13.02 16.26 -17.97
CA ASP A 47 -12.11 15.50 -17.11
C ASP A 47 -12.25 15.77 -15.59
N PHE A 48 -12.27 14.73 -14.74
CA PHE A 48 -12.22 13.28 -15.06
C PHE A 48 -11.04 12.86 -15.95
N PRO A 49 -9.81 13.05 -15.45
CA PRO A 49 -8.65 12.88 -16.34
C PRO A 49 -8.32 11.41 -16.61
N LEU A 50 -9.18 10.74 -17.38
CA LEU A 50 -8.97 9.35 -17.76
C LEU A 50 -7.77 9.24 -18.71
N ASN A 51 -6.97 8.18 -18.54
CA ASN A 51 -5.79 7.99 -19.39
C ASN A 51 -6.13 7.12 -20.59
N VAL A 52 -7.16 7.51 -21.32
CA VAL A 52 -7.59 6.81 -22.53
C VAL A 52 -6.43 6.64 -23.50
N ARG A 53 -6.01 5.40 -23.71
CA ARG A 53 -5.00 5.12 -24.70
C ARG A 53 -5.66 4.42 -25.89
N LYS A 54 -5.74 5.14 -27.01
CA LYS A 54 -6.49 4.71 -28.19
C LYS A 54 -6.19 3.27 -28.60
N GLY A 55 -7.21 2.59 -29.10
CA GLY A 55 -7.09 1.19 -29.48
C GLY A 55 -7.20 0.24 -28.31
N HIS A 56 -7.37 0.81 -27.12
CA HIS A 56 -7.51 0.02 -25.90
C HIS A 56 -8.79 0.38 -25.15
N PRO A 57 -9.50 -0.66 -24.66
CA PRO A 57 -10.65 -0.47 -23.76
C PRO A 57 -10.26 0.13 -22.42
N LEU A 58 -11.08 1.05 -21.91
CA LEU A 58 -10.76 1.73 -20.66
C LEU A 58 -11.42 1.05 -19.47
N LEU A 59 -10.59 0.46 -18.62
CA LEU A 59 -11.03 -0.27 -17.45
C LEU A 59 -10.77 0.54 -16.20
N VAL A 60 -11.56 0.29 -15.16
CA VAL A 60 -11.65 1.21 -14.04
C VAL A 60 -12.10 0.44 -12.78
N ALA A 61 -11.57 0.77 -11.61
CA ALA A 61 -11.97 0.08 -10.39
C ALA A 61 -12.94 0.93 -9.60
N VAL A 62 -14.06 0.33 -9.20
CA VAL A 62 -15.11 1.08 -8.52
C VAL A 62 -15.39 0.53 -7.13
N LYS A 63 -15.15 1.36 -6.11
CA LYS A 63 -15.48 0.99 -4.73
C LYS A 63 -16.91 1.40 -4.43
N ILE A 64 -17.76 0.43 -4.16
CA ILE A 64 -19.19 0.67 -4.06
C ILE A 64 -19.71 0.43 -2.65
N LEU A 65 -20.50 1.38 -2.15
CA LEU A 65 -21.10 1.26 -0.83
C LEU A 65 -22.25 0.26 -0.83
N ARG A 66 -22.33 -0.56 0.22
CA ARG A 66 -23.44 -1.48 0.43
C ARG A 66 -24.78 -0.78 0.24
N PRO A 67 -25.72 -1.44 -0.46
CA PRO A 67 -27.08 -0.91 -0.61
C PRO A 67 -27.85 -0.97 0.71
N ASP A 68 -27.40 -1.83 1.62
CA ASP A 68 -28.05 -2.01 2.91
C ASP A 68 -27.30 -1.28 4.02
N ALA A 69 -26.46 -0.34 3.63
CA ALA A 69 -25.55 0.34 4.55
C ALA A 69 -26.26 1.19 5.60
N THR A 70 -25.79 1.09 6.84
CA THR A 70 -26.30 1.92 7.93
C THR A 70 -25.98 3.38 7.67
N LYS A 71 -26.66 4.28 8.38
CA LYS A 71 -26.41 5.70 8.26
C LYS A 71 -24.95 6.05 8.61
N ASN A 72 -24.40 5.39 9.63
CA ASN A 72 -23.04 5.69 10.06
C ASN A 72 -21.97 5.19 9.08
N ALA A 73 -22.22 4.06 8.43
CA ALA A 73 -21.31 3.57 7.40
C ALA A 73 -21.41 4.49 6.18
N ARG A 74 -22.64 4.97 5.94
CA ARG A 74 -22.87 5.97 4.90
C ARG A 74 -22.05 7.22 5.18
N ASN A 75 -22.15 7.73 6.40
CA ASN A 75 -21.36 8.88 6.82
C ASN A 75 -19.86 8.64 6.60
N ASP A 76 -19.37 7.48 7.05
CA ASP A 76 -17.95 7.15 6.94
C ASP A 76 -17.50 7.08 5.49
N PHE A 77 -18.40 6.62 4.61
CA PHE A 77 -18.05 6.47 3.20
C PHE A 77 -17.78 7.84 2.57
N LEU A 78 -18.59 8.83 2.95
CA LEU A 78 -18.46 10.17 2.39
C LEU A 78 -17.28 10.90 3.00
N LYS A 79 -16.94 10.56 4.24
CA LYS A 79 -15.71 11.04 4.88
C LYS A 79 -14.50 10.59 4.06
N GLU A 80 -14.56 9.35 3.56
CA GLU A 80 -13.44 8.83 2.77
C GLU A 80 -13.38 9.51 1.40
N VAL A 81 -14.55 9.80 0.81
CA VAL A 81 -14.59 10.52 -0.45
C VAL A 81 -13.79 11.81 -0.29
N LYS A 82 -13.98 12.49 0.83
CA LYS A 82 -13.32 13.77 1.07
C LYS A 82 -11.81 13.58 1.30
N ILE A 83 -11.45 12.50 2.00
CA ILE A 83 -10.04 12.18 2.21
C ILE A 83 -9.35 11.88 0.89
N MET A 84 -9.98 11.03 0.08
CA MET A 84 -9.41 10.61 -1.20
C MET A 84 -9.31 11.79 -2.16
N SER A 85 -10.25 12.72 -2.05
CA SER A 85 -10.27 13.89 -2.92
C SER A 85 -9.02 14.73 -2.75
N ARG A 86 -8.39 14.59 -1.58
CA ARG A 86 -7.26 15.43 -1.25
C ARG A 86 -5.93 14.83 -1.76
N LEU A 87 -5.95 13.56 -2.15
CA LEU A 87 -4.71 12.84 -2.42
C LEU A 87 -4.28 12.86 -3.89
N LYS A 88 -3.28 13.68 -4.19
CA LYS A 88 -2.91 13.94 -5.58
C LYS A 88 -1.41 13.74 -5.85
N ASP A 89 -1.05 12.49 -6.14
CA ASP A 89 0.35 12.09 -6.35
C ASP A 89 0.44 10.85 -7.25
N PRO A 90 1.44 10.80 -8.14
CA PRO A 90 1.60 9.65 -9.04
C PRO A 90 1.68 8.30 -8.35
N ASN A 91 2.09 8.22 -7.09
CA ASN A 91 2.29 6.92 -6.44
C ASN A 91 1.25 6.59 -5.37
N ILE A 92 0.17 7.37 -5.38
CA ILE A 92 -0.97 7.15 -4.50
C ILE A 92 -2.21 6.93 -5.38
N ILE A 93 -3.06 5.99 -4.96
CA ILE A 93 -4.31 5.73 -5.67
C ILE A 93 -5.10 7.03 -5.84
N ARG A 94 -5.46 7.37 -7.08
CA ARG A 94 -6.14 8.64 -7.28
C ARG A 94 -7.61 8.45 -7.66
N LEU A 95 -8.42 9.36 -7.14
CA LEU A 95 -9.84 9.36 -7.39
C LEU A 95 -10.10 9.95 -8.78
N LEU A 96 -10.68 9.13 -9.67
CA LEU A 96 -11.02 9.60 -11.01
C LEU A 96 -12.37 10.31 -11.03
N GLY A 97 -13.27 9.91 -10.16
CA GLY A 97 -14.61 10.49 -10.13
C GLY A 97 -15.43 9.83 -9.04
N VAL A 98 -16.60 10.38 -8.74
CA VAL A 98 -17.47 9.78 -7.74
C VAL A 98 -18.88 9.68 -8.27
N CYS A 99 -19.73 8.99 -7.52
CA CYS A 99 -21.16 8.96 -7.76
C CYS A 99 -21.87 9.01 -6.42
N VAL A 100 -22.30 10.20 -6.00
CA VAL A 100 -22.82 10.36 -4.64
C VAL A 100 -24.10 11.18 -4.54
N GLN A 101 -24.60 11.70 -5.66
CA GLN A 101 -25.85 12.46 -5.64
C GLN A 101 -27.05 11.55 -5.81
N ASP A 102 -26.77 10.24 -5.85
CA ASP A 102 -27.79 9.19 -5.75
C ASP A 102 -27.10 7.85 -5.49
N ASP A 103 -27.87 6.85 -5.09
CA ASP A 103 -27.30 5.56 -4.69
C ASP A 103 -27.13 4.62 -5.88
N PRO A 104 -26.17 3.69 -5.79
CA PRO A 104 -25.18 3.49 -4.73
C PRO A 104 -24.03 4.49 -4.75
N LEU A 105 -23.46 4.79 -3.59
CA LEU A 105 -22.30 5.67 -3.51
C LEU A 105 -21.09 5.00 -4.13
N CYS A 106 -20.26 5.77 -4.83
CA CYS A 106 -19.18 5.22 -5.65
C CYS A 106 -17.94 6.07 -5.60
N MET A 107 -16.78 5.42 -5.56
CA MET A 107 -15.51 6.07 -5.82
C MET A 107 -14.80 5.35 -6.95
N ILE A 108 -14.25 6.10 -7.89
CA ILE A 108 -13.68 5.48 -9.08
C ILE A 108 -12.20 5.77 -9.17
N THR A 109 -11.42 4.74 -9.47
CA THR A 109 -9.98 4.89 -9.57
C THR A 109 -9.46 4.12 -10.78
N ASP A 110 -8.19 4.33 -11.12
CA ASP A 110 -7.49 3.63 -12.20
C ASP A 110 -7.48 2.12 -11.99
N TYR A 111 -7.41 1.37 -13.09
CA TYR A 111 -7.19 -0.06 -13.00
C TYR A 111 -5.69 -0.36 -13.12
N MET A 112 -5.15 -1.02 -12.10
CA MET A 112 -3.77 -1.50 -12.12
C MET A 112 -3.76 -2.96 -12.56
N GLU A 113 -3.29 -3.20 -13.79
CA GLU A 113 -3.34 -4.49 -14.46
C GLU A 113 -2.77 -5.68 -13.66
N ASN A 114 -1.84 -5.39 -12.76
CA ASN A 114 -1.03 -6.46 -12.19
C ASN A 114 -1.31 -6.76 -10.72
N GLY A 115 -2.36 -6.18 -10.16
CA GLY A 115 -2.80 -6.51 -8.81
C GLY A 115 -1.84 -6.09 -7.71
N ASP A 116 -1.88 -6.77 -6.58
CA ASP A 116 -1.09 -6.29 -5.46
C ASP A 116 0.37 -6.72 -5.59
N LEU A 117 1.24 -5.90 -5.02
CA LEU A 117 2.68 -6.07 -5.17
C LEU A 117 3.19 -7.34 -4.49
N ASN A 118 2.48 -7.83 -3.47
CA ASN A 118 2.94 -9.05 -2.79
C ASN A 118 2.83 -10.23 -3.75
N GLN A 119 1.65 -10.39 -4.36
CA GLN A 119 1.40 -11.50 -5.26
C GLN A 119 2.19 -11.36 -6.56
N PHE A 120 2.54 -10.12 -6.91
CA PHE A 120 3.28 -9.86 -8.14
C PHE A 120 4.76 -10.27 -7.96
N LEU A 121 5.36 -9.90 -6.84
CA LEU A 121 6.75 -10.25 -6.58
C LEU A 121 6.93 -11.75 -6.35
N SER A 122 5.99 -12.37 -5.65
CA SER A 122 6.03 -13.83 -5.42
C SER A 122 6.14 -14.62 -6.73
N ALA A 123 5.56 -14.08 -7.79
CA ALA A 123 5.50 -14.74 -9.10
C ALA A 123 6.79 -14.53 -9.91
N HIS A 124 7.65 -13.65 -9.42
CA HIS A 124 8.90 -13.34 -10.11
C HIS A 124 10.12 -14.00 -9.46
N GLN A 125 11.08 -14.38 -10.30
CA GLN A 125 12.40 -14.78 -9.85
C GLN A 125 13.33 -13.59 -9.98
N LEU A 126 14.28 -13.45 -9.05
CA LEU A 126 15.32 -12.47 -9.23
C LEU A 126 16.09 -12.88 -10.48
N GLU A 127 16.61 -11.90 -11.21
CA GLU A 127 17.10 -12.14 -12.57
C GLU A 127 18.27 -13.13 -12.69
N ASP A 128 19.39 -12.82 -12.06
CA ASP A 128 20.60 -13.62 -12.22
C ASP A 128 20.46 -15.04 -11.66
N LYS A 129 19.47 -15.24 -10.80
CA LYS A 129 19.27 -16.53 -10.13
C LYS A 129 18.35 -17.44 -10.95
N ALA A 130 18.95 -18.43 -11.60
CA ALA A 130 18.24 -19.38 -12.45
C ALA A 130 17.60 -20.51 -11.65
N ALA A 131 17.09 -20.18 -10.46
CA ALA A 131 16.30 -21.11 -9.65
C ALA A 131 14.84 -20.96 -10.07
N GLU A 132 14.62 -21.02 -11.38
CA GLU A 132 13.40 -20.58 -12.02
C GLU A 132 12.29 -21.63 -12.07
N GLY A 133 11.17 -21.24 -12.67
CA GLY A 133 10.09 -22.16 -12.96
C GLY A 133 10.04 -22.50 -14.44
N ALA A 134 10.88 -21.84 -15.22
CA ALA A 134 10.97 -22.04 -16.67
C ALA A 134 9.66 -21.69 -17.37
N ASP A 137 9.09 -18.11 -17.19
CA ASP A 137 8.77 -17.64 -15.85
C ASP A 137 9.36 -16.25 -15.60
N PRO A 138 8.56 -15.31 -15.06
CA PRO A 138 8.90 -13.89 -15.04
C PRO A 138 10.07 -13.56 -14.13
N THR A 139 10.99 -12.72 -14.61
CA THR A 139 12.10 -12.26 -13.80
C THR A 139 12.02 -10.75 -13.58
N ILE A 140 12.71 -10.27 -12.55
CA ILE A 140 12.80 -8.84 -12.27
C ILE A 140 14.25 -8.51 -11.94
N SER A 141 14.74 -7.40 -12.50
CA SER A 141 16.11 -6.98 -12.21
C SER A 141 16.20 -6.31 -10.85
N TYR A 142 17.42 -6.28 -10.30
CA TYR A 142 17.68 -5.59 -9.03
C TYR A 142 17.44 -4.06 -9.12
N PRO A 143 17.91 -3.40 -10.20
CA PRO A 143 17.52 -1.99 -10.41
C PRO A 143 16.02 -1.74 -10.36
N MET A 144 15.24 -2.69 -10.90
CA MET A 144 13.79 -2.54 -10.94
C MET A 144 13.16 -2.80 -9.57
N LEU A 145 13.75 -3.71 -8.79
CA LEU A 145 13.35 -3.91 -7.41
C LEU A 145 13.48 -2.60 -6.65
N LEU A 146 14.62 -1.95 -6.84
CA LEU A 146 14.90 -0.68 -6.19
C LEU A 146 13.92 0.40 -6.66
N HIS A 147 13.62 0.39 -7.96
CA HIS A 147 12.70 1.36 -8.55
C HIS A 147 11.30 1.22 -7.93
N VAL A 148 10.90 -0.03 -7.71
CA VAL A 148 9.66 -0.32 -6.99
C VAL A 148 9.67 0.30 -5.60
N ALA A 149 10.80 0.16 -4.90
CA ALA A 149 10.91 0.63 -3.54
C ALA A 149 10.96 2.15 -3.48
N ALA A 150 11.70 2.75 -4.41
CA ALA A 150 11.76 4.21 -4.54
C ALA A 150 10.38 4.84 -4.72
N GLN A 151 9.52 4.19 -5.50
CA GLN A 151 8.19 4.72 -5.75
C GLN A 151 7.35 4.69 -4.47
N ILE A 152 7.49 3.62 -3.71
CA ILE A 152 6.79 3.56 -2.43
C ILE A 152 7.28 4.68 -1.53
N ALA A 153 8.60 4.89 -1.50
CA ALA A 153 9.16 5.95 -0.68
C ALA A 153 8.61 7.32 -1.09
N SER A 154 8.55 7.60 -2.39
CA SER A 154 8.04 8.88 -2.90
C SER A 154 6.58 9.12 -2.55
N GLY A 155 5.76 8.07 -2.61
CA GLY A 155 4.36 8.20 -2.25
C GLY A 155 4.19 8.54 -0.78
N MET A 156 4.98 7.89 0.08
CA MET A 156 4.89 8.11 1.52
C MET A 156 5.45 9.49 1.86
N ARG A 157 6.45 9.92 1.11
CA ARG A 157 6.98 11.26 1.29
C ARG A 157 5.89 12.30 1.01
N TYR A 158 5.08 12.05 -0.03
CA TYR A 158 3.99 12.95 -0.35
C TYR A 158 2.96 12.96 0.76
N LEU A 159 2.63 11.78 1.28
CA LEU A 159 1.64 11.67 2.35
C LEU A 159 2.11 12.41 3.60
N ALA A 160 3.42 12.42 3.82
CA ALA A 160 3.97 13.07 5.00
C ALA A 160 3.84 14.58 4.89
N THR A 161 3.91 15.12 3.67
CA THR A 161 3.74 16.56 3.49
C THR A 161 2.33 16.99 3.87
N LEU A 162 1.40 16.04 3.84
CA LEU A 162 0.00 16.28 4.20
C LEU A 162 -0.30 16.02 5.68
N ASN A 163 0.71 15.57 6.42
CA ASN A 163 0.52 15.07 7.78
C ASN A 163 -0.51 13.95 7.78
N PHE A 164 -0.47 13.13 6.74
CA PHE A 164 -1.38 12.00 6.59
C PHE A 164 -0.67 10.71 7.00
N VAL A 165 -1.21 10.03 8.02
CA VAL A 165 -0.60 8.80 8.50
C VAL A 165 -1.37 7.60 7.99
N HIS A 166 -0.68 6.69 7.29
CA HIS A 166 -1.29 5.54 6.62
C HIS A 166 -1.75 4.44 7.59
N ARG A 167 -0.84 4.07 8.51
CA ARG A 167 -1.07 3.09 9.60
CA ARG A 167 -1.07 3.09 9.60
C ARG A 167 -1.04 1.63 9.15
N ASP A 168 -1.06 1.36 7.85
CA ASP A 168 -1.01 -0.04 7.40
C ASP A 168 -0.20 -0.27 6.13
N LEU A 169 1.00 0.32 6.06
CA LEU A 169 1.84 0.14 4.88
C LEU A 169 2.48 -1.26 4.85
N ALA A 170 2.40 -1.92 3.69
CA ALA A 170 2.91 -3.28 3.46
C ALA A 170 2.80 -3.56 1.98
N THR A 171 3.50 -4.56 1.47
CA THR A 171 3.43 -4.78 0.02
C THR A 171 2.03 -5.24 -0.40
N ARG A 172 1.30 -5.88 0.51
CA ARG A 172 -0.08 -6.30 0.19
C ARG A 172 -1.03 -5.11 -0.07
N ASN A 173 -0.60 -3.90 0.31
CA ASN A 173 -1.43 -2.71 0.09
C ASN A 173 -0.89 -1.85 -1.07
N CYS A 174 -0.03 -2.42 -1.89
CA CYS A 174 0.52 -1.71 -3.04
C CYS A 174 0.03 -2.38 -4.31
N LEU A 175 -0.32 -1.58 -5.31
CA LEU A 175 -0.81 -2.08 -6.60
C LEU A 175 0.21 -1.86 -7.70
N VAL A 176 0.23 -2.76 -8.67
CA VAL A 176 1.16 -2.67 -9.79
C VAL A 176 0.45 -2.43 -11.12
N GLY A 177 0.87 -1.39 -11.84
CA GLY A 177 0.36 -1.07 -13.16
C GLY A 177 1.29 -1.56 -14.25
N GLU A 178 1.35 -0.86 -15.37
CA GLU A 178 2.31 -1.19 -16.42
C GLU A 178 3.71 -0.71 -16.06
N ASN A 179 4.73 -1.35 -16.64
CA ASN A 179 6.12 -0.95 -16.50
C ASN A 179 6.54 -0.78 -15.04
N PHE A 180 6.11 -1.70 -14.18
CA PHE A 180 6.47 -1.71 -12.76
C PHE A 180 6.11 -0.42 -12.02
N THR A 181 5.11 0.31 -12.49
CA THR A 181 4.63 1.49 -11.74
C THR A 181 3.81 1.05 -10.55
N ILE A 182 3.96 1.76 -9.43
CA ILE A 182 3.36 1.38 -8.15
C ILE A 182 2.43 2.47 -7.63
N LYS A 183 1.32 2.07 -7.00
CA LYS A 183 0.49 3.00 -6.24
C LYS A 183 0.13 2.42 -4.87
N ILE A 184 0.18 3.27 -3.85
CA ILE A 184 -0.18 2.88 -2.50
C ILE A 184 -1.70 2.93 -2.31
N ALA A 185 -2.25 1.87 -1.73
CA ALA A 185 -3.68 1.80 -1.45
C ALA A 185 -3.89 1.45 0.01
N ASP A 186 -5.12 1.05 0.35
CA ASP A 186 -5.46 0.72 1.72
C ASP A 186 -6.70 -0.17 1.74
N PHE A 187 -6.48 -1.48 1.63
CA PHE A 187 -7.55 -2.45 1.43
C PHE A 187 -8.39 -2.73 2.68
N GLY A 188 -7.89 -2.36 3.85
CA GLY A 188 -8.46 -2.90 5.07
C GLY A 188 -7.94 -4.32 5.27
N MET A 189 -8.54 -5.08 6.18
CA MET A 189 -7.94 -6.34 6.56
C MET A 189 -8.87 -7.54 6.41
N SER A 190 -9.68 -7.53 5.36
CA SER A 190 -10.68 -8.57 5.21
C SER A 190 -10.25 -9.65 4.23
N ARG A 191 -9.28 -9.35 3.39
CA ARG A 191 -8.80 -10.31 2.40
C ARG A 191 -8.29 -11.57 3.08
N ASN A 192 -8.90 -12.71 2.77
CA ASN A 192 -8.53 -13.99 3.36
C ASN A 192 -7.04 -14.28 3.19
N LEU A 193 -6.50 -13.87 2.05
CA LEU A 193 -5.12 -14.13 1.69
C LEU A 193 -4.15 -13.60 2.73
N TYR A 194 -4.51 -12.51 3.39
CA TYR A 194 -3.60 -11.88 4.34
C TYR A 194 -4.13 -11.85 5.77
N ALA A 195 -5.04 -12.75 6.09
CA ALA A 195 -5.59 -12.84 7.45
C ALA A 195 -4.47 -13.03 8.50
N GLY A 196 -3.45 -13.80 8.14
CA GLY A 196 -2.31 -14.01 9.03
C GLY A 196 -1.42 -12.81 9.30
N ASP A 197 -1.64 -11.70 8.59
CA ASP A 197 -0.87 -10.50 8.84
C ASP A 197 -1.52 -9.62 9.91
N TYR A 198 -2.61 -10.10 10.52
CA TYR A 198 -3.32 -9.28 11.50
C TYR A 198 -3.63 -10.08 12.74
N TYR A 199 -3.51 -9.41 13.89
CA TYR A 199 -3.63 -10.11 15.16
C TYR A 199 -4.24 -9.19 16.20
N ARG A 200 -5.12 -9.75 17.03
CA ARG A 200 -5.75 -9.01 18.13
C ARG A 200 -4.70 -8.51 19.12
N VAL A 201 -4.57 -7.21 19.29
CA VAL A 201 -3.76 -6.71 20.39
C VAL A 201 -4.67 -6.52 21.59
N GLN A 202 -4.24 -7.02 22.76
CA GLN A 202 -5.09 -7.02 23.95
C GLN A 202 -5.58 -5.61 24.33
N GLY A 203 -6.83 -5.53 24.74
CA GLY A 203 -7.44 -4.27 25.14
C GLY A 203 -7.65 -3.30 23.99
N ARG A 204 -7.48 -3.78 22.75
CA ARG A 204 -7.52 -2.92 21.58
C ARG A 204 -8.08 -3.59 20.32
N ALA A 205 -7.40 -3.43 19.19
CA ALA A 205 -7.97 -3.85 17.90
C ALA A 205 -7.13 -4.92 17.20
N VAL A 206 -7.66 -5.44 16.10
CA VAL A 206 -6.93 -6.39 15.27
C VAL A 206 -5.99 -5.62 14.36
N LEU A 207 -4.68 -5.82 14.52
CA LEU A 207 -3.70 -4.93 13.89
C LEU A 207 -2.56 -5.69 13.20
N PRO A 208 -1.88 -5.03 12.25
CA PRO A 208 -0.79 -5.69 11.52
C PRO A 208 0.53 -5.64 12.29
N ILE A 209 0.61 -6.39 13.40
CA ILE A 209 1.69 -6.23 14.37
C ILE A 209 3.10 -6.38 13.82
N ARG A 210 3.30 -7.23 12.82
CA ARG A 210 4.63 -7.48 12.30
C ARG A 210 5.25 -6.29 11.55
N TRP A 211 4.41 -5.31 11.19
CA TRP A 211 4.85 -4.09 10.49
C TRP A 211 4.85 -2.89 11.44
N MET A 212 4.41 -3.11 12.67
CA MET A 212 4.23 -2.03 13.65
C MET A 212 5.43 -1.70 14.54
N ALA A 213 5.71 -0.40 14.63
CA ALA A 213 6.69 0.12 15.59
C ALA A 213 6.25 -0.24 17.00
N TRP A 214 7.21 -0.33 17.92
CA TRP A 214 6.93 -0.75 19.28
C TRP A 214 5.95 0.20 19.96
N GLU A 215 6.08 1.50 19.71
CA GLU A 215 5.17 2.45 20.34
C GLU A 215 3.72 2.33 19.80
N CYS A 216 3.57 1.76 18.59
CA CYS A 216 2.22 1.45 18.10
C CYS A 216 1.64 0.27 18.85
N ILE A 217 2.44 -0.78 19.06
CA ILE A 217 1.97 -1.98 19.75
C ILE A 217 1.67 -1.72 21.24
N LEU A 218 2.57 -1.04 21.93
CA LEU A 218 2.43 -0.92 23.38
C LEU A 218 1.41 0.14 23.75
N MET A 219 1.41 1.24 23.00
CA MET A 219 0.58 2.39 23.38
C MET A 219 -0.46 2.80 22.35
N GLY A 220 -0.21 2.50 21.07
CA GLY A 220 -1.16 2.86 20.02
C GLY A 220 -0.88 4.19 19.33
N LYS A 221 0.35 4.68 19.49
CA LYS A 221 0.75 5.95 18.93
C LYS A 221 1.19 5.77 17.48
N PHE A 222 0.34 6.17 16.53
CA PHE A 222 0.70 6.11 15.11
C PHE A 222 1.08 7.50 14.59
N THR A 223 2.21 7.57 13.90
CA THR A 223 2.72 8.84 13.38
C THR A 223 3.46 8.57 12.07
N THR A 224 3.98 9.63 11.45
CA THR A 224 4.82 9.48 10.27
C THR A 224 6.05 8.63 10.61
N ALA A 225 6.62 8.82 11.79
CA ALA A 225 7.77 8.03 12.22
C ALA A 225 7.44 6.54 12.31
N SER A 226 6.24 6.20 12.75
CA SER A 226 5.85 4.78 12.69
C SER A 226 5.63 4.33 11.24
N ASP A 227 5.18 5.23 10.37
CA ASP A 227 5.08 4.91 8.95
C ASP A 227 6.46 4.58 8.37
N VAL A 228 7.48 5.31 8.81
CA VAL A 228 8.86 4.99 8.41
C VAL A 228 9.24 3.58 8.81
N TRP A 229 8.90 3.19 10.04
CA TRP A 229 9.19 1.85 10.56
C TRP A 229 8.52 0.81 9.67
N ALA A 230 7.23 1.00 9.38
CA ALA A 230 6.50 0.11 8.48
C ALA A 230 7.15 0.06 7.09
N PHE A 231 7.67 1.19 6.61
CA PHE A 231 8.41 1.17 5.33
C PHE A 231 9.70 0.33 5.39
N GLY A 232 10.41 0.40 6.52
CA GLY A 232 11.57 -0.45 6.71
C GLY A 232 11.19 -1.90 6.51
N VAL A 233 10.10 -2.32 7.17
CA VAL A 233 9.61 -3.69 7.00
C VAL A 233 9.15 -3.94 5.55
N THR A 234 8.57 -2.93 4.90
CA THR A 234 8.07 -3.10 3.54
C THR A 234 9.24 -3.26 2.56
N LEU A 235 10.30 -2.48 2.79
CA LEU A 235 11.49 -2.59 1.97
C LEU A 235 12.12 -3.99 2.09
N TRP A 236 12.13 -4.55 3.30
CA TRP A 236 12.60 -5.91 3.54
C TRP A 236 11.81 -6.89 2.68
N GLU A 237 10.48 -6.81 2.75
CA GLU A 237 9.59 -7.59 1.90
C GLU A 237 10.02 -7.55 0.43
N VAL A 238 10.21 -6.34 -0.08
CA VAL A 238 10.54 -6.18 -1.51
C VAL A 238 11.85 -6.90 -1.83
N LEU A 239 12.85 -6.75 -0.96
CA LEU A 239 14.16 -7.34 -1.25
C LEU A 239 14.21 -8.85 -0.93
N MET A 240 13.19 -9.37 -0.26
CA MET A 240 13.01 -10.82 -0.13
C MET A 240 12.16 -11.39 -1.28
N LEU A 241 11.73 -10.51 -2.19
CA LEU A 241 10.75 -10.82 -3.24
C LEU A 241 9.50 -11.51 -2.67
N CYS A 242 9.12 -11.09 -1.46
CA CYS A 242 7.89 -11.56 -0.80
C CYS A 242 7.81 -13.07 -0.62
N ARG A 243 8.95 -13.73 -0.41
CA ARG A 243 8.97 -15.16 -0.17
C ARG A 243 8.68 -15.51 1.30
N ALA A 244 8.66 -14.51 2.17
CA ALA A 244 8.52 -14.78 3.60
C ALA A 244 7.91 -13.62 4.37
N GLN A 245 7.14 -13.98 5.39
CA GLN A 245 6.53 -13.00 6.28
C GLN A 245 7.58 -12.43 7.24
N PRO A 246 7.51 -11.13 7.54
CA PRO A 246 8.43 -10.58 8.55
C PRO A 246 8.33 -11.32 9.89
N PHE A 247 9.49 -11.58 10.52
CA PHE A 247 9.59 -12.38 11.74
C PHE A 247 8.83 -13.69 11.65
N GLY A 248 8.89 -14.32 10.47
CA GLY A 248 8.19 -15.58 10.23
C GLY A 248 8.46 -16.73 11.21
N GLN A 249 9.63 -16.75 11.85
CA GLN A 249 9.95 -17.75 12.87
C GLN A 249 9.13 -17.56 14.15
N LEU A 250 8.83 -16.30 14.46
CA LEU A 250 8.13 -15.94 15.68
C LEU A 250 6.61 -16.07 15.62
N THR A 251 6.02 -16.56 16.71
CA THR A 251 4.58 -16.55 16.86
C THR A 251 4.09 -15.11 17.06
N ASP A 252 2.79 -14.88 16.87
CA ASP A 252 2.24 -13.54 17.02
C ASP A 252 2.51 -13.02 18.43
N GLU A 253 2.31 -13.89 19.42
CA GLU A 253 2.58 -13.54 20.81
C GLU A 253 4.04 -13.15 20.99
N GLN A 254 4.94 -13.88 20.32
CA GLN A 254 6.35 -13.53 20.38
C GLN A 254 6.62 -12.17 19.73
N VAL A 255 5.88 -11.84 18.68
CA VAL A 255 6.04 -10.53 18.02
C VAL A 255 5.69 -9.41 18.99
N ILE A 256 4.62 -9.60 19.74
CA ILE A 256 4.18 -8.64 20.74
C ILE A 256 5.19 -8.55 21.87
N GLU A 257 5.78 -9.69 22.27
CA GLU A 257 6.80 -9.67 23.31
C GLU A 257 8.04 -8.93 22.82
N ASN A 258 8.38 -9.14 21.56
CA ASN A 258 9.55 -8.49 20.96
C ASN A 258 9.41 -6.95 20.98
N ALA A 259 8.19 -6.44 20.88
CA ALA A 259 7.95 -5.00 20.96
C ALA A 259 8.33 -4.48 22.33
N GLY A 260 7.99 -5.27 23.34
CA GLY A 260 8.41 -5.01 24.70
C GLY A 260 9.91 -4.94 24.84
N GLU A 261 10.64 -5.72 24.04
CA GLU A 261 12.10 -5.77 24.15
C GLU A 261 12.76 -4.57 23.48
N PHE A 262 12.16 -4.10 22.38
CA PHE A 262 12.53 -2.81 21.77
C PHE A 262 12.40 -1.69 22.78
N PHE A 263 11.29 -1.68 23.52
CA PHE A 263 11.08 -0.68 24.54
C PHE A 263 12.10 -0.80 25.66
N ARG A 264 12.32 -2.02 26.15
CA ARG A 264 13.28 -2.23 27.23
C ARG A 264 14.72 -1.97 26.76
N ASP A 265 15.00 -2.25 25.49
CA ASP A 265 16.27 -1.85 24.85
C ASP A 265 17.50 -2.39 25.59
N GLN A 266 17.52 -3.69 25.85
CA GLN A 266 18.60 -4.28 26.61
C GLN A 266 19.40 -5.33 25.82
N GLY A 267 19.09 -5.49 24.54
CA GLY A 267 19.81 -6.42 23.69
C GLY A 267 19.16 -7.79 23.51
N ARG A 268 17.97 -7.95 24.06
CA ARG A 268 17.21 -9.19 23.95
C ARG A 268 16.33 -9.20 22.69
N GLN A 269 16.08 -8.02 22.13
CA GLN A 269 15.22 -7.93 20.95
C GLN A 269 15.86 -8.61 19.74
N VAL A 270 15.06 -8.94 18.74
CA VAL A 270 15.62 -9.38 17.46
C VAL A 270 15.09 -8.54 16.29
N TYR A 271 15.92 -8.40 15.28
CA TYR A 271 15.63 -7.60 14.11
C TYR A 271 15.56 -8.53 12.93
N LEU A 272 14.83 -8.09 11.91
CA LEU A 272 14.89 -8.72 10.59
C LEU A 272 16.33 -8.69 10.09
N SER A 273 16.80 -9.82 9.55
CA SER A 273 18.15 -9.91 8.99
C SER A 273 18.25 -9.35 7.57
N ARG A 274 19.47 -9.25 7.07
CA ARG A 274 19.70 -8.67 5.75
C ARG A 274 19.35 -9.64 4.63
N PRO A 275 18.39 -9.25 3.77
CA PRO A 275 18.14 -10.08 2.59
C PRO A 275 19.38 -10.16 1.69
N PRO A 276 19.64 -11.31 1.07
CA PRO A 276 20.76 -11.48 0.14
C PRO A 276 20.80 -10.43 -0.98
N ALA A 277 19.63 -10.02 -1.46
CA ALA A 277 19.55 -9.03 -2.53
C ALA A 277 19.84 -7.62 -2.05
N CYS A 278 19.98 -7.45 -0.74
CA CYS A 278 20.19 -6.13 -0.14
C CYS A 278 21.66 -5.87 0.20
N PRO A 279 22.26 -4.84 -0.42
CA PRO A 279 23.64 -4.49 -0.08
C PRO A 279 23.73 -3.99 1.36
N GLN A 280 24.93 -4.05 1.95
CA GLN A 280 25.11 -3.70 3.36
C GLN A 280 24.71 -2.25 3.65
N GLY A 281 25.13 -1.33 2.79
CA GLY A 281 24.80 0.08 2.96
C GLY A 281 23.31 0.32 3.09
N LEU A 282 22.54 -0.37 2.25
CA LEU A 282 21.10 -0.21 2.27
C LEU A 282 20.52 -0.87 3.51
N TYR A 283 21.15 -1.94 3.97
CA TYR A 283 20.68 -2.61 5.20
C TYR A 283 20.82 -1.70 6.42
N GLU A 284 21.91 -0.96 6.49
CA GLU A 284 22.12 -0.07 7.62
C GLU A 284 21.10 1.06 7.65
N LEU A 285 20.72 1.55 6.47
CA LEU A 285 19.66 2.54 6.39
C LEU A 285 18.33 1.91 6.80
N MET A 286 18.08 0.69 6.33
CA MET A 286 16.92 -0.09 6.76
C MET A 286 16.87 -0.18 8.30
N LEU A 287 18.00 -0.52 8.93
CA LEU A 287 18.04 -0.65 10.38
C LEU A 287 17.64 0.64 11.10
N ARG A 288 18.06 1.79 10.58
CA ARG A 288 17.70 3.06 11.22
C ARG A 288 16.19 3.30 11.23
N CYS A 289 15.46 2.63 10.35
CA CYS A 289 14.01 2.78 10.29
C CYS A 289 13.39 2.19 11.54
N TRP A 290 14.13 1.28 12.16
CA TRP A 290 13.65 0.57 13.32
C TRP A 290 14.30 1.09 14.61
N SER A 291 14.87 2.30 14.55
CA SER A 291 15.42 2.95 15.75
C SER A 291 14.38 3.05 16.87
N ARG A 292 14.82 2.94 18.12
CA ARG A 292 13.90 3.05 19.26
C ARG A 292 13.29 4.44 19.36
N GLU A 293 14.12 5.46 19.19
CA GLU A 293 13.66 6.84 19.26
C GLU A 293 13.12 7.27 17.90
N SER A 294 11.91 7.81 17.89
CA SER A 294 11.21 8.18 16.65
C SER A 294 12.00 9.18 15.81
N GLU A 295 12.62 10.14 16.47
CA GLU A 295 13.32 11.22 15.79
C GLU A 295 14.63 10.77 15.14
N GLN A 296 15.04 9.54 15.39
CA GLN A 296 16.28 9.04 14.79
C GLN A 296 15.98 8.26 13.53
N ARG A 297 14.71 7.96 13.30
CA ARG A 297 14.34 7.28 12.07
C ARG A 297 14.46 8.26 10.90
N PRO A 298 14.93 7.77 9.75
CA PRO A 298 15.18 8.59 8.56
C PRO A 298 13.91 9.16 7.96
N PRO A 299 13.96 10.41 7.46
CA PRO A 299 12.83 10.97 6.71
C PRO A 299 12.62 10.26 5.37
N PHE A 300 11.41 10.24 4.86
CA PHE A 300 11.13 9.59 3.58
C PHE A 300 11.97 10.21 2.46
N SER A 301 12.32 11.48 2.61
CA SER A 301 13.19 12.11 1.63
C SER A 301 14.53 11.39 1.53
N GLN A 302 15.08 10.97 2.67
CA GLN A 302 16.39 10.34 2.66
C GLN A 302 16.28 8.95 2.09
N LEU A 303 15.21 8.26 2.48
CA LEU A 303 15.01 6.88 2.05
C LEU A 303 14.90 6.86 0.53
N HIS A 304 14.16 7.80 -0.02
CA HIS A 304 13.94 7.86 -1.45
C HIS A 304 15.22 8.18 -2.20
N ARG A 305 15.98 9.15 -1.70
CA ARG A 305 17.21 9.57 -2.37
C ARG A 305 18.20 8.40 -2.44
N PHE A 306 18.35 7.63 -1.35
CA PHE A 306 19.30 6.50 -1.33
C PHE A 306 18.87 5.42 -2.33
N LEU A 307 17.58 5.10 -2.35
CA LEU A 307 17.06 4.10 -3.27
C LEU A 307 17.19 4.52 -4.73
N ALA A 308 17.02 5.80 -5.03
CA ALA A 308 17.11 6.26 -6.42
C ALA A 308 18.53 6.50 -6.89
N GLU A 309 19.47 6.58 -5.97
CA GLU A 309 20.85 6.91 -6.32
C GLU A 309 21.89 5.90 -5.81
N ASP A 310 22.11 5.91 -4.49
CA ASP A 310 23.25 5.24 -3.88
C ASP A 310 23.17 3.73 -3.87
N ALA A 311 21.95 3.18 -3.82
CA ALA A 311 21.78 1.73 -3.64
C ALA A 311 22.03 0.94 -4.93
N LEU A 312 22.08 1.64 -6.06
CA LEU A 312 22.22 1.00 -7.36
C LEU A 312 23.62 0.50 -7.62
N ASN A 313 24.61 1.20 -7.06
CA ASN A 313 26.01 0.87 -7.32
C ASN A 313 26.64 0.05 -6.19
N THR A 314 26.19 0.27 -4.95
CA THR A 314 26.76 -0.44 -3.80
C THR A 314 26.32 -1.90 -3.77
C4 DJH B . -7.21 -3.66 -8.26
C7 DJH B . -7.30 -1.58 -9.13
C8 DJH B . -7.70 -2.34 -8.00
C10 DJH B . -9.15 -2.99 -4.56
N12 DJH B . -8.85 -1.91 -3.70
C13 DJH B . -9.56 -1.69 -2.44
C15 DJH B . -9.28 0.83 -2.96
C17 DJH B . -7.75 -0.95 -3.90
C21 DJH B . -8.44 1.19 -1.72
C24 DJH B . -6.98 4.05 -0.65
C28 DJH B . -4.27 5.61 0.74
C1 DJH B . -8.50 -3.15 -5.90
C2 DJH B . -8.02 -4.44 -6.20
C3 DJH B . -7.38 -4.71 -7.36
N5 DJH B . -6.56 -3.61 -9.50
N6 DJH B . -6.63 -2.35 -10.01
C9 DJH B . -8.37 -2.08 -6.80
O11 DJH B . -9.93 -3.86 -4.14
C14 DJH B . -10.28 -0.31 -2.59
C16 DJH B . -8.36 0.45 -4.13
C18 DJH B . -10.01 2.12 -3.24
C19 DJH B . -9.68 3.07 -2.24
N20 DJH B . -8.75 2.51 -1.35
O22 DJH B . -7.62 0.53 -1.10
C23 DJH B . -8.17 3.20 -0.23
O25 DJH B . -6.33 3.86 -1.68
N26 DJH B . -6.63 5.06 0.21
C27 DJH B . -5.51 5.90 -0.14
F29 DJH B . -3.25 6.43 0.45
F30 DJH B . -4.49 5.69 2.07
F31 DJH B . -3.79 4.37 0.59
C32 DJH B . -10.19 4.34 -2.22
C33 DJH B . -11.10 4.70 -3.23
C34 DJH B . -11.45 3.79 -4.23
C35 DJH B . -10.91 2.48 -4.26
C36 DJH B . -11.31 1.61 -5.40
#